data_8TB6
#
_entry.id   8TB6
#
_cell.length_a   52.470
_cell.length_b   47.715
_cell.length_c   119.313
_cell.angle_alpha   90.000
_cell.angle_beta   91.080
_cell.angle_gamma   90.000
#
_symmetry.space_group_name_H-M   'P 1 21 1'
#
loop_
_entity.id
_entity.type
_entity.pdbx_description
1 polymer 'Non-receptor tyrosine-protein kinase TYK2'
2 non-polymer N-[(3M)-3-{6-[(3R)-3-methoxyoxolan-3-yl]pyridin-2-yl}-1-methyl-1H-pyrrolo[2,3-c]pyridin-5-yl]urea
3 water water
#
_entity_poly.entity_id   1
_entity_poly.type   'polypeptide(L)'
_entity_poly.pdbx_seq_one_letter_code
;AHHHHHHHHHHGALEVLFQGPGARASPRTLNLSQLSFHRVDQKEITQLSHLGQGTRTNVYEGRLRVEGSGDPEEGKMDDE
DPLVPGRDRGQELRVVLKVLDPSHHDIALAFYETASLMSQVSHTHLAFVHGVCVRGPENIMVTEYVEHGPLDVWLRRERG
HVPMAWKMVVAQQLASALSYLENKNLVHGNVCGRNILLARLGLAEGTSPFIKLSDPGVGLGALSREERVERIPWLAPECL
PGGANSLSTAMDKWGFGATLLEICFDGEAPLQSRSPSEKEHFYQRQHRLPEPSCPQLATLTSQCLTYEPTQRPSFRTILR
DLTRLQ
;
_entity_poly.pdbx_strand_id   A,B
#
# COMPACT_ATOMS: atom_id res chain seq x y z
N ARG A 28 -18.91 -9.38 -12.99
CA ARG A 28 -19.26 -8.04 -12.52
C ARG A 28 -20.77 -7.73 -12.75
N THR A 29 -21.12 -6.54 -13.25
CA THR A 29 -22.53 -6.08 -13.32
C THR A 29 -23.52 -7.23 -13.46
N LEU A 32 -21.87 -8.19 -7.83
CA LEU A 32 -22.79 -9.32 -7.70
C LEU A 32 -24.20 -8.94 -8.13
N SER A 33 -24.88 -9.89 -8.76
CA SER A 33 -26.29 -9.75 -9.12
C SER A 33 -27.21 -10.18 -8.00
N GLN A 34 -26.68 -10.44 -6.80
CA GLN A 34 -27.45 -10.90 -5.65
C GLN A 34 -27.62 -9.84 -4.57
N LEU A 35 -27.14 -8.62 -4.78
CA LEU A 35 -27.37 -7.50 -3.88
C LEU A 35 -28.56 -6.69 -4.37
N SER A 36 -29.27 -6.08 -3.44
CA SER A 36 -30.47 -5.31 -3.75
C SER A 36 -30.19 -3.81 -3.67
N PHE A 37 -30.27 -3.14 -4.81
CA PHE A 37 -30.07 -1.71 -4.91
C PHE A 37 -30.80 -1.26 -6.15
N HIS A 38 -31.19 0.02 -6.18
CA HIS A 38 -31.86 0.55 -7.35
C HIS A 38 -30.84 0.88 -8.44
N ARG A 39 -31.12 0.45 -9.66
CA ARG A 39 -30.24 0.71 -10.79
C ARG A 39 -30.69 2.00 -11.46
N VAL A 40 -29.85 3.02 -11.39
CA VAL A 40 -30.17 4.32 -11.96
C VAL A 40 -29.68 4.34 -13.40
N ASP A 41 -30.56 4.70 -14.33
CA ASP A 41 -30.12 4.88 -15.71
C ASP A 41 -29.35 6.19 -15.86
N GLN A 42 -28.28 6.17 -16.67
CA GLN A 42 -27.46 7.37 -16.83
C GLN A 42 -28.21 8.53 -17.47
N LYS A 43 -29.28 8.25 -18.21
CA LYS A 43 -30.08 9.36 -18.74
C LYS A 43 -30.85 10.09 -17.64
N GLU A 44 -30.95 9.51 -16.45
CA GLU A 44 -31.68 10.14 -15.35
C GLU A 44 -30.81 11.07 -14.50
N ILE A 45 -29.49 11.08 -14.69
CA ILE A 45 -28.61 11.90 -13.87
C ILE A 45 -27.89 12.94 -14.72
N THR A 46 -27.71 14.11 -14.13
CA THR A 46 -26.93 15.20 -14.70
C THR A 46 -25.78 15.47 -13.73
N GLN A 47 -24.55 15.56 -14.23
CA GLN A 47 -23.39 15.80 -13.39
C GLN A 47 -23.03 17.29 -13.42
N LEU A 48 -22.91 17.89 -12.24
CA LEU A 48 -22.54 19.30 -12.11
C LEU A 48 -21.16 19.42 -11.47
N SER A 49 -20.95 20.36 -10.55
CA SER A 49 -19.60 20.69 -10.12
C SER A 49 -18.97 19.61 -9.25
N HIS A 50 -17.65 19.49 -9.37
CA HIS A 50 -16.84 18.66 -8.50
C HIS A 50 -16.84 19.22 -7.07
N LEU A 51 -17.08 18.34 -6.08
CA LEU A 51 -17.18 18.73 -4.68
C LEU A 51 -15.98 18.35 -3.84
N GLY A 52 -15.33 17.24 -4.19
CA GLY A 52 -14.21 16.74 -3.43
C GLY A 52 -13.99 15.28 -3.77
N GLN A 53 -13.27 14.61 -2.88
CA GLN A 53 -12.92 13.23 -3.12
C GLN A 53 -13.18 12.44 -1.86
N GLY A 54 -13.50 11.17 -2.04
CA GLY A 54 -13.55 10.21 -0.96
C GLY A 54 -12.53 9.13 -1.30
N THR A 55 -12.60 7.99 -0.62
CA THR A 55 -11.61 6.95 -0.87
C THR A 55 -11.87 6.31 -2.24
N ARG A 56 -10.98 6.60 -3.20
CA ARG A 56 -11.07 6.10 -4.57
C ARG A 56 -12.32 6.58 -5.29
N THR A 57 -12.85 7.74 -4.90
CA THR A 57 -14.01 8.33 -5.55
C THR A 57 -13.78 9.82 -5.77
N ASN A 58 -14.38 10.33 -6.84
CA ASN A 58 -14.58 11.76 -7.05
C ASN A 58 -16.06 12.01 -6.89
N VAL A 59 -16.39 13.07 -6.17
N VAL A 59 -16.43 12.99 -6.09
CA VAL A 59 -17.74 13.40 -5.74
CA VAL A 59 -17.83 13.25 -5.81
C VAL A 59 -18.21 14.63 -6.49
C VAL A 59 -18.22 14.58 -6.46
N TYR A 60 -19.40 14.58 -7.06
CA TYR A 60 -19.93 15.69 -7.82
C TYR A 60 -21.35 16.02 -7.38
N GLU A 61 -21.70 17.31 -7.42
CA GLU A 61 -23.10 17.69 -7.31
C GLU A 61 -23.82 17.25 -8.57
N GLY A 62 -25.07 16.85 -8.41
CA GLY A 62 -25.84 16.43 -9.57
C GLY A 62 -27.34 16.60 -9.41
N ARG A 63 -28.07 16.08 -10.39
CA ARG A 63 -29.52 16.10 -10.39
C ARG A 63 -29.99 14.71 -10.78
N LEU A 64 -31.05 14.24 -10.14
CA LEU A 64 -31.67 12.96 -10.47
C LEU A 64 -33.11 13.24 -10.86
N ARG A 65 -33.45 13.04 -12.12
CA ARG A 65 -34.78 13.39 -12.63
C ARG A 65 -35.75 12.22 -12.42
N LEU A 93 -34.50 15.67 -8.03
CA LEU A 93 -33.80 15.63 -6.74
C LEU A 93 -32.38 16.19 -6.83
N ARG A 94 -31.98 16.87 -5.76
CA ARG A 94 -30.63 17.39 -5.63
C ARG A 94 -29.79 16.26 -5.07
N VAL A 95 -28.77 15.82 -5.80
CA VAL A 95 -28.04 14.64 -5.39
C VAL A 95 -26.55 14.88 -5.44
N VAL A 96 -25.83 13.89 -4.94
CA VAL A 96 -24.38 13.81 -5.08
C VAL A 96 -24.07 12.51 -5.82
N LEU A 97 -23.20 12.62 -6.82
CA LEU A 97 -22.73 11.50 -7.64
C LEU A 97 -21.34 11.13 -7.17
N LYS A 98 -21.17 9.88 -6.70
CA LYS A 98 -19.89 9.40 -6.21
C LYS A 98 -19.34 8.42 -7.24
N VAL A 99 -18.38 8.91 -8.05
CA VAL A 99 -17.83 8.16 -9.17
C VAL A 99 -16.64 7.38 -8.67
N LEU A 100 -16.74 6.05 -8.67
CA LEU A 100 -15.62 5.21 -8.27
C LEU A 100 -14.55 5.21 -9.35
N ASP A 101 -13.28 5.27 -8.95
CA ASP A 101 -12.16 5.12 -9.87
C ASP A 101 -12.24 3.78 -10.61
N PRO A 102 -11.67 3.69 -11.84
CA PRO A 102 -11.56 2.37 -12.48
C PRO A 102 -10.94 1.37 -11.52
N SER A 103 -11.63 0.28 -11.22
CA SER A 103 -11.19 -0.55 -10.12
C SER A 103 -11.36 -2.02 -10.44
N HIS A 104 -10.60 -2.82 -9.69
CA HIS A 104 -10.77 -4.27 -9.69
C HIS A 104 -12.14 -4.65 -9.13
N HIS A 105 -12.63 -5.82 -9.55
CA HIS A 105 -13.94 -6.31 -9.12
C HIS A 105 -14.11 -6.27 -7.60
N ASP A 106 -13.04 -6.57 -6.84
CA ASP A 106 -13.16 -6.61 -5.39
C ASP A 106 -13.51 -5.24 -4.80
N ILE A 107 -12.92 -4.18 -5.35
CA ILE A 107 -13.24 -2.82 -4.90
C ILE A 107 -14.67 -2.46 -5.29
N ALA A 108 -15.06 -2.76 -6.54
CA ALA A 108 -16.40 -2.45 -6.97
C ALA A 108 -17.44 -3.17 -6.12
N LEU A 109 -17.15 -4.44 -5.78
CA LEU A 109 -18.07 -5.21 -4.94
C LEU A 109 -18.25 -4.54 -3.59
N ALA A 110 -17.17 -4.04 -2.99
CA ALA A 110 -17.29 -3.37 -1.69
C ALA A 110 -18.08 -2.07 -1.81
N PHE A 111 -17.98 -1.40 -2.96
CA PHE A 111 -18.75 -0.20 -3.25
C PHE A 111 -20.23 -0.54 -3.35
N TYR A 112 -20.56 -1.59 -4.09
CA TYR A 112 -21.96 -1.98 -4.25
C TYR A 112 -22.54 -2.49 -2.94
N GLU A 113 -21.73 -3.14 -2.09
CA GLU A 113 -22.25 -3.61 -0.81
C GLU A 113 -22.66 -2.43 0.07
N THR A 114 -21.88 -1.36 0.06
CA THR A 114 -22.27 -0.18 0.82
C THR A 114 -23.57 0.39 0.31
N ALA A 115 -23.70 0.50 -1.02
CA ALA A 115 -24.92 1.04 -1.62
C ALA A 115 -26.14 0.22 -1.23
N SER A 116 -26.00 -1.12 -1.24
CA SER A 116 -27.12 -2.02 -0.95
C SER A 116 -27.54 -1.94 0.51
N LEU A 117 -26.57 -2.02 1.39
CA LEU A 117 -26.88 -1.93 2.80
C LEU A 117 -27.45 -0.54 3.15
N MET A 118 -26.85 0.54 2.67
CA MET A 118 -27.42 1.85 3.03
C MET A 118 -28.73 2.14 2.32
N SER A 119 -29.06 1.37 1.28
CA SER A 119 -30.35 1.52 0.59
C SER A 119 -31.50 0.93 1.39
N GLN A 120 -31.20 0.07 2.36
CA GLN A 120 -32.22 -0.68 3.07
C GLN A 120 -32.36 -0.25 4.52
N VAL A 121 -31.65 0.78 4.95
CA VAL A 121 -31.84 1.34 6.28
C VAL A 121 -32.50 2.69 6.14
N SER A 122 -33.12 3.13 7.24
CA SER A 122 -33.74 4.45 7.32
C SER A 122 -33.49 5.02 8.71
N HIS A 123 -33.19 6.33 8.77
CA HIS A 123 -33.03 7.02 10.04
C HIS A 123 -33.01 8.52 9.77
N THR A 124 -33.59 9.29 10.69
CA THR A 124 -33.58 10.74 10.57
C THR A 124 -32.18 11.29 10.30
N HIS A 125 -31.15 10.67 10.87
CA HIS A 125 -29.80 11.20 10.75
C HIS A 125 -28.90 10.32 9.88
N LEU A 126 -29.47 9.63 8.89
CA LEU A 126 -28.70 8.97 7.84
C LEU A 126 -29.06 9.53 6.47
N ALA A 127 -28.04 9.89 5.69
CA ALA A 127 -28.26 10.41 4.34
C ALA A 127 -28.79 9.31 3.41
N PHE A 128 -29.71 9.70 2.51
CA PHE A 128 -30.33 8.73 1.61
C PHE A 128 -29.32 8.24 0.58
N VAL A 129 -29.47 6.98 0.19
CA VAL A 129 -28.81 6.43 -0.99
C VAL A 129 -29.93 6.12 -1.98
N HIS A 130 -29.85 6.72 -3.18
CA HIS A 130 -30.88 6.58 -4.20
C HIS A 130 -30.62 5.43 -5.17
N GLY A 131 -29.38 4.97 -5.26
CA GLY A 131 -29.06 3.86 -6.15
C GLY A 131 -27.63 3.95 -6.66
N VAL A 132 -27.36 3.13 -7.67
CA VAL A 132 -26.08 3.09 -8.37
C VAL A 132 -26.32 3.15 -9.88
N CYS A 133 -25.51 3.96 -10.56
CA CYS A 133 -25.57 4.10 -12.00
C CYS A 133 -24.28 3.58 -12.60
N VAL A 134 -24.40 2.77 -13.63
CA VAL A 134 -23.24 2.37 -14.43
C VAL A 134 -23.23 3.25 -15.68
N ARG A 135 -22.27 4.17 -15.76
CA ARG A 135 -22.12 5.07 -16.90
C ARG A 135 -20.80 4.71 -17.57
N GLY A 136 -20.87 3.80 -18.54
CA GLY A 136 -19.67 3.29 -19.18
C GLY A 136 -18.80 2.50 -18.22
N PRO A 137 -17.53 2.88 -18.11
CA PRO A 137 -16.63 2.20 -17.17
C PRO A 137 -16.68 2.72 -15.75
N GLU A 138 -17.67 3.55 -15.41
CA GLU A 138 -17.74 4.24 -14.13
C GLU A 138 -18.93 3.71 -13.32
N ASN A 139 -18.66 3.23 -12.11
CA ASN A 139 -19.71 2.96 -11.13
C ASN A 139 -19.98 4.26 -10.37
N ILE A 140 -21.24 4.68 -10.30
CA ILE A 140 -21.59 5.95 -9.68
C ILE A 140 -22.68 5.69 -8.64
N MET A 141 -22.36 5.89 -7.36
CA MET A 141 -23.37 5.83 -6.30
C MET A 141 -24.09 7.19 -6.24
N VAL A 142 -25.43 7.17 -6.26
CA VAL A 142 -26.23 8.39 -6.26
C VAL A 142 -26.79 8.58 -4.86
N THR A 143 -26.42 9.69 -4.19
CA THR A 143 -26.78 9.88 -2.79
C THR A 143 -27.37 11.27 -2.56
N GLU A 144 -27.89 11.46 -1.34
CA GLU A 144 -28.55 12.70 -0.95
C GLU A 144 -27.57 13.87 -0.88
N TYR A 145 -27.91 14.98 -1.53
CA TYR A 145 -27.14 16.22 -1.34
C TYR A 145 -27.57 16.85 -0.02
N VAL A 146 -26.63 17.05 0.90
CA VAL A 146 -26.97 17.65 2.19
C VAL A 146 -26.45 19.08 2.18
N GLU A 147 -27.38 20.03 2.32
CA GLU A 147 -27.18 21.43 1.95
C GLU A 147 -25.81 22.04 2.31
N HIS A 148 -25.38 21.94 3.56
CA HIS A 148 -24.20 22.68 3.98
C HIS A 148 -22.92 21.85 3.99
N GLY A 149 -22.97 20.60 3.50
CA GLY A 149 -21.78 19.81 3.32
C GLY A 149 -21.14 19.30 4.60
N PRO A 150 -19.91 18.83 4.46
CA PRO A 150 -19.22 18.16 5.58
C PRO A 150 -19.02 19.03 6.80
N LEU A 151 -19.23 18.41 7.96
CA LEU A 151 -19.14 19.11 9.24
C LEU A 151 -17.73 19.62 9.51
N ASP A 152 -16.70 18.82 9.22
CA ASP A 152 -15.33 19.19 9.60
C ASP A 152 -14.88 20.45 8.87
N VAL A 153 -15.28 20.60 7.61
CA VAL A 153 -14.97 21.79 6.82
C VAL A 153 -15.64 23.02 7.41
N TRP A 154 -16.93 22.91 7.75
CA TRP A 154 -17.68 24.03 8.29
C TRP A 154 -17.17 24.43 9.66
N LEU A 155 -16.92 23.45 10.54
CA LEU A 155 -16.40 23.74 11.89
C LEU A 155 -15.07 24.48 11.84
N ARG A 156 -14.16 24.06 10.95
CA ARG A 156 -12.88 24.74 10.87
C ARG A 156 -13.08 26.19 10.44
N ARG A 157 -13.99 26.42 9.50
CA ARG A 157 -14.24 27.79 9.04
C ARG A 157 -14.90 28.62 10.13
N GLU A 158 -15.84 28.05 10.88
CA GLU A 158 -16.55 28.77 11.93
C GLU A 158 -15.86 28.64 13.30
N ARG A 159 -14.60 28.20 13.34
CA ARG A 159 -13.95 27.90 14.60
C ARG A 159 -13.94 29.13 15.51
N GLY A 160 -14.21 28.89 16.79
CA GLY A 160 -14.21 29.94 17.79
C GLY A 160 -15.58 30.42 18.21
N HIS A 161 -16.62 30.19 17.41
CA HIS A 161 -17.95 30.64 17.79
C HIS A 161 -19.01 29.56 17.57
N VAL A 162 -18.62 28.31 17.71
CA VAL A 162 -19.58 27.21 17.74
C VAL A 162 -19.67 26.76 19.20
N PRO A 163 -20.80 26.98 19.87
CA PRO A 163 -20.86 26.72 21.31
C PRO A 163 -20.92 25.23 21.64
N MET A 164 -20.50 24.92 22.86
CA MET A 164 -20.53 23.54 23.35
C MET A 164 -21.93 22.93 23.25
N ALA A 165 -22.97 23.71 23.55
CA ALA A 165 -24.34 23.19 23.48
C ALA A 165 -24.65 22.69 22.07
N TRP A 166 -24.18 23.42 21.07
CA TRP A 166 -24.38 23.03 19.67
C TRP A 166 -23.73 21.68 19.39
N LYS A 167 -22.54 21.46 19.93
CA LYS A 167 -21.78 20.25 19.69
C LYS A 167 -22.42 19.04 20.38
N MET A 168 -23.01 19.26 21.56
CA MET A 168 -23.72 18.18 22.25
C MET A 168 -24.97 17.74 21.48
N VAL A 169 -25.67 18.68 20.82
CA VAL A 169 -26.80 18.30 19.97
C VAL A 169 -26.31 17.36 18.85
N VAL A 170 -25.23 17.75 18.18
CA VAL A 170 -24.70 16.97 17.07
C VAL A 170 -24.27 15.58 17.55
N ALA A 171 -23.55 15.54 18.68
CA ALA A 171 -23.12 14.29 19.26
C ALA A 171 -24.31 13.37 19.52
N GLN A 172 -25.39 13.92 20.06
CA GLN A 172 -26.58 13.13 20.36
C GLN A 172 -27.25 12.62 19.09
N GLN A 173 -27.34 13.46 18.05
CA GLN A 173 -27.94 13.00 16.80
C GLN A 173 -27.11 11.88 16.18
N LEU A 174 -25.77 12.00 16.22
CA LEU A 174 -24.89 10.99 15.68
C LEU A 174 -25.02 9.68 16.46
N ALA A 175 -24.95 9.77 17.80
CA ALA A 175 -25.15 8.60 18.64
C ALA A 175 -26.49 7.93 18.35
N SER A 176 -27.53 8.71 18.03
CA SER A 176 -28.83 8.11 17.75
C SER A 176 -28.78 7.30 16.47
N ALA A 177 -28.11 7.82 15.45
CA ALA A 177 -27.96 7.09 14.20
C ALA A 177 -27.15 5.81 14.40
N LEU A 178 -26.09 5.87 15.19
CA LEU A 178 -25.26 4.69 15.40
C LEU A 178 -25.94 3.66 16.32
N SER A 179 -26.80 4.13 17.23
CA SER A 179 -27.60 3.25 18.07
C SER A 179 -28.52 2.36 17.21
N TYR A 180 -29.10 2.95 16.18
CA TYR A 180 -29.92 2.21 15.21
C TYR A 180 -29.08 1.23 14.41
N LEU A 181 -27.91 1.64 13.93
CA LEU A 181 -27.08 0.70 13.15
C LEU A 181 -26.63 -0.46 14.04
N GLU A 182 -26.27 -0.17 15.29
CA GLU A 182 -25.91 -1.21 16.25
C GLU A 182 -27.05 -2.21 16.43
N ASN A 183 -28.27 -1.72 16.67
CA ASN A 183 -29.44 -2.59 16.81
C ASN A 183 -29.65 -3.46 15.57
N LYS A 184 -29.33 -2.96 14.39
CA LYS A 184 -29.45 -3.75 13.17
C LYS A 184 -28.23 -4.62 12.90
N ASN A 185 -27.21 -4.56 13.78
CA ASN A 185 -25.94 -5.26 13.60
C ASN A 185 -25.28 -4.92 12.27
N LEU A 186 -25.23 -3.62 11.95
CA LEU A 186 -24.63 -3.14 10.72
C LEU A 186 -23.45 -2.24 11.05
N VAL A 187 -22.32 -2.50 10.43
CA VAL A 187 -21.11 -1.69 10.64
C VAL A 187 -21.13 -0.52 9.67
N HIS A 188 -20.79 0.67 10.16
CA HIS A 188 -20.54 1.78 9.25
C HIS A 188 -19.08 1.79 8.81
N GLY A 189 -18.16 1.86 9.77
CA GLY A 189 -16.76 1.72 9.49
C GLY A 189 -16.05 2.95 8.94
N ASN A 190 -16.72 4.10 8.89
CA ASN A 190 -16.07 5.33 8.44
C ASN A 190 -16.69 6.53 9.16
N VAL A 191 -16.90 6.39 10.47
CA VAL A 191 -17.42 7.51 11.25
C VAL A 191 -16.31 8.55 11.43
N CYS A 192 -16.54 9.76 10.93
CA CYS A 192 -15.59 10.86 11.04
C CYS A 192 -16.31 12.16 10.70
N GLY A 193 -15.70 13.28 11.08
CA GLY A 193 -16.34 14.58 10.86
C GLY A 193 -16.61 14.87 9.38
N ARG A 194 -15.78 14.34 8.48
CA ARG A 194 -16.01 14.51 7.05
C ARG A 194 -17.34 13.89 6.67
N ASN A 195 -17.66 12.73 7.23
CA ASN A 195 -18.89 12.03 6.81
C ASN A 195 -20.11 12.45 7.60
N ILE A 196 -20.00 13.45 8.45
CA ILE A 196 -21.16 14.07 9.10
C ILE A 196 -21.52 15.30 8.28
N LEU A 197 -22.71 15.29 7.67
CA LEU A 197 -23.14 16.37 6.80
C LEU A 197 -24.17 17.24 7.51
N LEU A 198 -24.07 18.57 7.32
CA LEU A 198 -24.95 19.54 7.98
C LEU A 198 -26.16 19.86 7.11
N ALA A 199 -27.35 19.41 7.52
CA ALA A 199 -28.58 19.77 6.82
C ALA A 199 -29.12 21.14 7.27
N ARG A 200 -28.90 21.52 8.53
CA ARG A 200 -29.34 22.80 9.05
C ARG A 200 -28.27 23.29 10.00
N LEU A 201 -27.88 24.57 9.87
CA LEU A 201 -26.69 25.09 10.59
C LEU A 201 -26.93 25.23 12.09
N GLY A 202 -28.09 25.78 12.48
CA GLY A 202 -28.49 25.83 13.89
C GLY A 202 -27.73 26.81 14.78
N LEU A 203 -26.99 27.77 14.22
CA LEU A 203 -26.30 28.76 15.05
C LEU A 203 -27.18 29.96 15.40
N ALA A 204 -28.10 30.31 14.51
CA ALA A 204 -28.97 31.46 14.72
C ALA A 204 -29.92 31.24 15.91
N GLU A 205 -30.28 32.35 16.55
CA GLU A 205 -31.17 32.32 17.72
C GLU A 205 -32.46 31.58 17.39
N GLY A 206 -32.85 30.67 18.28
CA GLY A 206 -34.05 29.90 18.09
C GLY A 206 -33.94 28.73 17.14
N THR A 207 -32.74 28.38 16.67
CA THR A 207 -32.53 27.26 15.76
C THR A 207 -31.54 26.28 16.38
N SER A 208 -31.41 25.11 15.75
CA SER A 208 -30.57 24.04 16.25
C SER A 208 -30.08 23.21 15.08
N PRO A 209 -28.90 22.61 15.18
CA PRO A 209 -28.33 21.92 14.02
C PRO A 209 -29.04 20.61 13.73
N PHE A 210 -28.85 20.13 12.50
CA PHE A 210 -29.42 18.89 12.03
C PHE A 210 -28.39 18.22 11.13
N ILE A 211 -27.88 17.04 11.53
CA ILE A 211 -26.83 16.38 10.76
C ILE A 211 -27.36 15.10 10.12
N LYS A 212 -26.66 14.65 9.09
CA LYS A 212 -26.93 13.36 8.47
C LYS A 212 -25.63 12.65 8.19
N LEU A 213 -25.52 11.42 8.66
CA LEU A 213 -24.31 10.64 8.45
C LEU A 213 -24.32 10.08 7.02
N SER A 214 -23.28 10.42 6.27
CA SER A 214 -23.08 9.94 4.91
C SER A 214 -22.74 8.45 4.91
N ASP A 215 -22.87 7.81 3.75
CA ASP A 215 -22.46 6.40 3.61
C ASP A 215 -20.95 6.25 3.80
N PRO A 216 -20.47 5.05 4.17
CA PRO A 216 -19.03 4.87 4.37
C PRO A 216 -18.21 4.72 3.10
N GLY A 217 -18.82 4.81 1.91
CA GLY A 217 -18.04 4.62 0.68
C GLY A 217 -17.62 3.18 0.48
N VAL A 218 -16.48 2.99 -0.20
CA VAL A 218 -15.93 1.65 -0.40
C VAL A 218 -15.72 0.98 0.95
N GLY A 219 -16.28 -0.22 1.11
CA GLY A 219 -16.21 -0.94 2.37
C GLY A 219 -14.82 -1.09 2.94
N LEU A 220 -14.70 -0.87 4.25
CA LEU A 220 -13.40 -0.92 4.91
C LEU A 220 -12.65 -2.22 4.65
N GLY A 221 -13.38 -3.33 4.52
CA GLY A 221 -12.76 -4.63 4.29
C GLY A 221 -11.94 -4.71 3.00
N ALA A 222 -12.23 -3.87 2.02
CA ALA A 222 -11.53 -3.91 0.74
C ALA A 222 -10.36 -2.93 0.66
N LEU A 223 -10.20 -2.05 1.64
CA LEU A 223 -9.18 -1.02 1.55
C LEU A 223 -7.80 -1.57 1.89
N SER A 224 -6.79 -0.90 1.37
CA SER A 224 -5.38 -1.25 1.60
C SER A 224 -4.91 -0.79 2.97
N ARG A 225 -3.78 -1.36 3.39
CA ARG A 225 -3.21 -0.95 4.67
C ARG A 225 -2.94 0.55 4.70
N GLU A 226 -2.42 1.11 3.60
CA GLU A 226 -2.09 2.54 3.58
C GLU A 226 -3.34 3.41 3.69
N GLU A 227 -4.46 2.98 3.10
CA GLU A 227 -5.72 3.72 3.26
C GLU A 227 -6.25 3.60 4.68
N ARG A 228 -6.10 2.42 5.30
CA ARG A 228 -6.47 2.29 6.71
C ARG A 228 -5.64 3.21 7.61
N VAL A 229 -4.32 3.30 7.34
CA VAL A 229 -3.45 4.16 8.14
C VAL A 229 -3.84 5.64 7.97
N GLU A 230 -4.21 6.04 6.75
CA GLU A 230 -4.70 7.40 6.55
C GLU A 230 -5.91 7.71 7.42
N ARG A 231 -6.69 6.71 7.86
CA ARG A 231 -7.90 6.91 8.64
C ARG A 231 -7.63 6.99 10.15
N ILE A 232 -6.39 6.78 10.59
CA ILE A 232 -6.08 6.98 12.02
C ILE A 232 -6.21 8.47 12.33
N PRO A 233 -6.82 8.85 13.46
CA PRO A 233 -7.32 8.08 14.58
C PRO A 233 -8.81 7.69 14.56
N TRP A 234 -9.50 7.90 13.44
CA TRP A 234 -10.89 7.48 13.34
C TRP A 234 -11.00 5.96 13.21
N LEU A 235 -10.04 5.34 12.55
CA LEU A 235 -9.96 3.89 12.41
C LEU A 235 -9.81 3.21 13.77
N ALA A 236 -10.60 2.18 14.01
CA ALA A 236 -10.41 1.47 15.27
C ALA A 236 -9.11 0.67 15.21
N PRO A 237 -8.37 0.57 16.33
CA PRO A 237 -7.05 -0.10 16.30
C PRO A 237 -7.09 -1.54 15.82
N GLU A 238 -8.14 -2.28 16.19
CA GLU A 238 -8.25 -3.67 15.78
C GLU A 238 -8.39 -3.83 14.27
N CYS A 239 -8.71 -2.75 13.56
CA CYS A 239 -8.87 -2.79 12.10
C CYS A 239 -7.59 -2.52 11.33
N LEU A 240 -6.48 -2.19 12.03
CA LEU A 240 -5.25 -1.85 11.30
C LEU A 240 -4.61 -3.07 10.65
N PRO A 241 -4.40 -4.21 11.34
CA PRO A 241 -3.82 -5.41 10.72
C PRO A 241 -4.46 -5.80 9.38
N SER A 248 -16.92 -5.82 12.93
CA SER A 248 -17.78 -5.75 14.11
C SER A 248 -18.25 -4.34 14.40
N THR A 249 -19.50 -4.20 14.90
CA THR A 249 -19.99 -2.85 15.16
C THR A 249 -19.20 -2.15 16.26
N ALA A 250 -18.39 -2.87 17.02
CA ALA A 250 -17.58 -2.24 18.06
C ALA A 250 -16.61 -1.20 17.50
N MET A 251 -16.21 -1.32 16.23
CA MET A 251 -15.27 -0.33 15.67
C MET A 251 -15.90 1.05 15.58
N ASP A 252 -17.22 1.13 15.41
CA ASP A 252 -17.88 2.43 15.28
C ASP A 252 -17.93 3.18 16.61
N LYS A 253 -17.77 2.48 17.74
CA LYS A 253 -17.63 3.16 19.02
C LYS A 253 -16.34 3.95 19.07
N TRP A 254 -15.23 3.34 18.66
CA TRP A 254 -13.98 4.07 18.55
C TRP A 254 -14.14 5.25 17.59
N GLY A 255 -14.68 4.99 16.39
CA GLY A 255 -14.89 6.06 15.43
C GLY A 255 -15.65 7.23 16.01
N PHE A 256 -16.75 6.93 16.71
CA PHE A 256 -17.55 7.94 17.39
C PHE A 256 -16.71 8.73 18.40
N GLY A 257 -15.98 8.01 19.26
CA GLY A 257 -15.13 8.69 20.22
C GLY A 257 -14.13 9.64 19.57
N ALA A 258 -13.47 9.18 18.51
CA ALA A 258 -12.51 10.03 17.81
C ALA A 258 -13.19 11.22 17.14
N THR A 259 -14.41 11.03 16.67
CA THR A 259 -15.16 12.11 16.04
C THR A 259 -15.57 13.15 17.08
N LEU A 260 -15.83 12.73 18.31
CA LEU A 260 -16.12 13.71 19.36
C LEU A 260 -14.91 14.59 19.64
N LEU A 261 -13.71 14.00 19.69
CA LEU A 261 -12.49 14.79 19.86
C LEU A 261 -12.37 15.80 18.73
N GLU A 262 -12.58 15.32 17.50
CA GLU A 262 -12.54 16.18 16.33
C GLU A 262 -13.53 17.32 16.46
N ILE A 263 -14.79 17.02 16.81
CA ILE A 263 -15.80 18.09 16.91
C ILE A 263 -15.42 19.08 18.02
N CYS A 264 -14.98 18.57 19.17
CA CYS A 264 -14.58 19.46 20.26
C CYS A 264 -13.43 20.36 19.85
N PHE A 265 -12.48 19.85 19.06
CA PHE A 265 -11.37 20.65 18.56
C PHE A 265 -11.72 21.49 17.33
N ASP A 266 -13.00 21.79 17.12
CA ASP A 266 -13.48 22.60 15.99
C ASP A 266 -12.95 22.09 14.65
N GLY A 267 -13.08 20.77 14.44
CA GLY A 267 -12.75 20.17 13.15
C GLY A 267 -11.30 19.80 12.92
N GLU A 268 -10.42 20.01 13.89
CA GLU A 268 -9.01 19.65 13.76
C GLU A 268 -8.78 18.29 14.41
N ALA A 269 -8.34 17.31 13.62
CA ALA A 269 -8.28 16.03 14.31
C ALA A 269 -6.92 15.84 14.97
N PRO A 270 -6.87 15.09 16.08
CA PRO A 270 -5.56 14.77 16.66
C PRO A 270 -4.75 13.92 15.70
N LEU A 271 -3.43 14.10 15.76
CA LEU A 271 -2.45 13.39 14.94
C LEU A 271 -2.41 13.88 13.50
N GLN A 272 -3.10 14.99 13.19
CA GLN A 272 -3.21 15.45 11.81
C GLN A 272 -1.84 15.79 11.23
N SER A 273 -0.97 16.41 12.01
CA SER A 273 0.35 16.82 11.53
C SER A 273 1.34 15.67 11.43
N ARG A 274 0.93 14.45 11.78
CA ARG A 274 1.83 13.31 11.79
C ARG A 274 1.88 12.65 10.41
N SER A 275 2.92 11.87 10.20
CA SER A 275 3.13 11.10 8.99
C SER A 275 2.41 9.76 9.08
N PRO A 276 2.17 9.10 7.95
CA PRO A 276 1.58 7.75 8.01
C PRO A 276 2.33 6.83 8.96
N SER A 277 3.67 6.81 8.84
CA SER A 277 4.47 5.94 9.70
C SER A 277 4.29 6.28 11.17
N GLU A 278 4.20 7.57 11.50
CA GLU A 278 4.01 7.97 12.89
C GLU A 278 2.60 7.63 13.37
N LYS A 279 1.59 7.80 12.53
CA LYS A 279 0.24 7.40 12.90
C LYS A 279 0.19 5.91 13.23
N GLU A 280 0.76 5.08 12.33
CA GLU A 280 0.81 3.65 12.59
C GLU A 280 1.55 3.34 13.88
N HIS A 281 2.66 4.06 14.14
CA HIS A 281 3.40 3.90 15.39
C HIS A 281 2.51 4.15 16.61
N PHE A 282 1.71 5.22 16.55
CA PHE A 282 0.85 5.59 17.67
C PHE A 282 -0.01 4.41 18.13
N TYR A 283 -0.69 3.74 17.19
CA TYR A 283 -1.48 2.57 17.55
C TYR A 283 -0.60 1.41 17.98
N GLN A 284 0.54 1.24 17.31
CA GLN A 284 1.43 0.11 17.63
C GLN A 284 1.83 0.13 19.09
N ARG A 285 2.20 1.31 19.61
CA ARG A 285 2.58 1.46 21.01
C ARG A 285 1.38 1.77 21.91
N GLN A 286 0.16 1.71 21.37
CA GLN A 286 -1.06 1.94 22.13
C GLN A 286 -1.01 3.24 22.93
N HIS A 287 -0.60 4.32 22.27
CA HIS A 287 -0.57 5.62 22.92
C HIS A 287 -1.97 6.13 23.18
N ARG A 288 -2.08 7.00 24.18
CA ARG A 288 -3.38 7.52 24.61
C ARG A 288 -3.74 8.75 23.78
N LEU A 289 -4.94 8.75 23.23
CA LEU A 289 -5.44 9.93 22.54
C LEU A 289 -5.76 11.03 23.54
N PRO A 290 -5.73 12.30 23.10
CA PRO A 290 -5.93 13.41 24.03
C PRO A 290 -7.32 13.43 24.65
N GLU A 291 -7.42 14.18 25.75
CA GLU A 291 -8.68 14.46 26.41
C GLU A 291 -9.44 15.54 25.64
N PRO A 292 -10.77 15.43 25.55
CA PRO A 292 -11.52 16.42 24.77
C PRO A 292 -11.53 17.77 25.46
N SER A 293 -11.71 18.82 24.66
CA SER A 293 -11.80 20.17 25.21
C SER A 293 -13.20 20.50 25.72
N CYS A 294 -14.18 19.62 25.53
CA CYS A 294 -15.43 19.69 26.27
C CYS A 294 -15.28 18.77 27.48
N PRO A 295 -14.97 19.28 28.67
CA PRO A 295 -14.72 18.38 29.80
C PRO A 295 -15.88 17.42 30.09
N GLN A 296 -17.12 17.81 29.81
CA GLN A 296 -18.23 16.92 30.11
C GLN A 296 -18.23 15.66 29.25
N LEU A 297 -17.48 15.64 28.16
CA LEU A 297 -17.38 14.46 27.29
C LEU A 297 -16.19 13.56 27.62
N ALA A 298 -15.35 13.95 28.59
CA ALA A 298 -14.08 13.25 28.79
C ALA A 298 -14.28 11.80 29.23
N THR A 299 -15.28 11.55 30.08
CA THR A 299 -15.56 10.18 30.49
C THR A 299 -16.02 9.37 29.29
N LEU A 300 -17.01 9.89 28.56
CA LEU A 300 -17.49 9.21 27.37
C LEU A 300 -16.37 8.90 26.38
N THR A 301 -15.57 9.91 26.02
CA THR A 301 -14.54 9.66 25.01
C THR A 301 -13.55 8.62 25.49
N SER A 302 -13.20 8.67 26.79
CA SER A 302 -12.25 7.70 27.33
C SER A 302 -12.82 6.28 27.26
N GLN A 303 -14.13 6.11 27.46
CA GLN A 303 -14.73 4.79 27.35
C GLN A 303 -14.74 4.28 25.91
N CYS A 304 -15.00 5.18 24.94
CA CYS A 304 -15.02 4.76 23.55
C CYS A 304 -13.62 4.51 23.00
N LEU A 305 -12.66 5.36 23.37
CA LEU A 305 -11.29 5.23 22.87
C LEU A 305 -10.46 4.30 23.74
N THR A 306 -10.96 3.08 23.92
CA THR A 306 -10.26 2.01 24.64
C THR A 306 -9.78 0.99 23.61
N TYR A 307 -8.53 0.56 23.75
CA TYR A 307 -7.96 -0.29 22.72
C TYR A 307 -8.60 -1.67 22.70
N GLU A 308 -9.13 -2.13 23.83
CA GLU A 308 -9.81 -3.43 23.86
C GLU A 308 -11.25 -3.25 23.39
N PRO A 309 -11.66 -3.88 22.28
CA PRO A 309 -13.00 -3.56 21.73
C PRO A 309 -14.16 -3.93 22.64
N THR A 310 -14.06 -5.03 23.40
CA THR A 310 -15.22 -5.46 24.20
C THR A 310 -15.48 -4.54 25.40
N GLN A 311 -14.52 -3.72 25.78
CA GLN A 311 -14.70 -2.79 26.89
C GLN A 311 -15.43 -1.52 26.49
N ARG A 312 -15.70 -1.31 25.19
CA ARG A 312 -16.37 -0.11 24.77
C ARG A 312 -17.86 -0.21 25.08
N PRO A 313 -18.49 0.87 25.54
CA PRO A 313 -19.91 0.82 25.90
C PRO A 313 -20.78 0.80 24.66
N SER A 314 -22.01 0.29 24.83
CA SER A 314 -22.93 0.22 23.71
C SER A 314 -23.51 1.59 23.40
N PHE A 315 -24.11 1.72 22.21
CA PHE A 315 -24.65 3.03 21.87
C PHE A 315 -25.92 3.35 22.62
N ARG A 316 -26.61 2.33 23.14
CA ARG A 316 -27.72 2.60 24.05
C ARG A 316 -27.23 3.33 25.30
N THR A 317 -26.08 2.91 25.83
CA THR A 317 -25.48 3.57 26.99
C THR A 317 -24.93 4.94 26.61
N ILE A 318 -24.20 5.02 25.48
CA ILE A 318 -23.65 6.30 25.04
C ILE A 318 -24.75 7.33 24.87
N LEU A 319 -25.80 6.96 24.14
CA LEU A 319 -26.90 7.88 23.88
C LEU A 319 -27.57 8.32 25.18
N ARG A 320 -27.81 7.38 26.10
CA ARG A 320 -28.39 7.74 27.39
C ARG A 320 -27.49 8.71 28.15
N ASP A 321 -26.19 8.42 28.18
CA ASP A 321 -25.27 9.30 28.90
C ASP A 321 -25.22 10.69 28.26
N LEU A 322 -25.25 10.77 26.94
CA LEU A 322 -25.25 12.09 26.29
C LEU A 322 -26.48 12.91 26.66
N THR A 323 -27.64 12.25 26.79
CA THR A 323 -28.86 13.01 27.11
C THR A 323 -28.82 13.57 28.52
N ARG A 324 -28.06 12.95 29.41
CA ARG A 324 -27.87 13.45 30.78
C ARG A 324 -26.76 14.51 30.86
N LEU A 325 -25.94 14.65 29.82
CA LEU A 325 -24.88 15.65 29.80
C LEU A 325 -25.38 16.94 29.17
N SER B 36 28.46 -9.82 -28.43
CA SER B 36 29.70 -10.50 -28.09
C SER B 36 29.61 -11.27 -26.76
N PHE B 37 29.94 -12.55 -26.82
CA PHE B 37 29.82 -13.50 -25.71
C PHE B 37 30.38 -14.83 -26.20
N HIS B 38 30.80 -15.66 -25.26
CA HIS B 38 31.37 -16.94 -25.65
C HIS B 38 30.25 -17.92 -26.02
N ARG B 39 30.40 -18.59 -27.16
CA ARG B 39 29.44 -19.60 -27.59
C ARG B 39 29.89 -20.96 -27.06
N VAL B 40 29.16 -21.51 -26.09
CA VAL B 40 29.52 -22.77 -25.44
C VAL B 40 28.91 -23.94 -26.20
N ASP B 41 29.73 -24.95 -26.48
CA ASP B 41 29.25 -26.16 -27.14
C ASP B 41 28.50 -27.04 -26.16
N GLN B 42 27.40 -27.65 -26.61
CA GLN B 42 26.57 -28.41 -25.69
C GLN B 42 27.28 -29.66 -25.18
N LYS B 43 28.30 -30.14 -25.89
CA LYS B 43 29.08 -31.27 -25.40
C LYS B 43 29.98 -30.89 -24.23
N GLU B 44 30.14 -29.61 -23.96
CA GLU B 44 30.97 -29.15 -22.85
C GLU B 44 30.19 -28.99 -21.53
N ILE B 45 28.86 -29.11 -21.55
CA ILE B 45 28.06 -28.90 -20.35
C ILE B 45 27.34 -30.18 -19.96
N THR B 46 27.25 -30.42 -18.66
CA THR B 46 26.48 -31.49 -18.04
C THR B 46 25.39 -30.84 -17.19
N GLN B 47 24.13 -31.21 -17.41
CA GLN B 47 23.00 -30.66 -16.65
C GLN B 47 22.65 -31.55 -15.46
N LEU B 48 22.57 -30.99 -14.28
CA LEU B 48 22.23 -31.72 -13.06
C LEU B 48 20.90 -31.28 -12.50
N SER B 49 20.79 -31.05 -11.19
CA SER B 49 19.53 -30.89 -10.49
C SER B 49 18.89 -29.54 -10.77
N HIS B 50 17.56 -29.56 -10.89
CA HIS B 50 16.77 -28.33 -11.03
C HIS B 50 16.86 -27.53 -9.75
N LEU B 51 17.17 -26.24 -9.88
CA LEU B 51 17.39 -25.35 -8.74
C LEU B 51 16.24 -24.42 -8.49
N GLY B 52 15.52 -24.03 -9.53
CA GLY B 52 14.46 -23.07 -9.37
C GLY B 52 14.14 -22.43 -10.71
N GLN B 53 13.45 -21.30 -10.63
CA GLN B 53 12.97 -20.60 -11.81
C GLN B 53 13.26 -19.11 -11.71
N GLY B 54 13.60 -18.50 -12.85
CA GLY B 54 13.57 -17.07 -13.03
C GLY B 54 12.45 -16.66 -13.97
N THR B 55 12.51 -15.42 -14.42
CA THR B 55 11.50 -14.95 -15.34
C THR B 55 11.70 -15.65 -16.69
N ARG B 56 10.77 -16.53 -17.05
CA ARG B 56 10.83 -17.31 -18.28
C ARG B 56 12.03 -18.26 -18.34
N THR B 57 12.58 -18.65 -17.19
CA THR B 57 13.70 -19.56 -17.18
C THR B 57 13.53 -20.66 -16.13
N ASN B 58 14.18 -21.77 -16.41
CA ASN B 58 14.42 -22.84 -15.47
C ASN B 58 15.90 -22.96 -15.29
N VAL B 59 16.34 -23.12 -14.06
N VAL B 59 16.35 -22.95 -14.06
CA VAL B 59 17.73 -22.98 -13.66
CA VAL B 59 17.76 -23.00 -13.75
C VAL B 59 18.15 -24.30 -13.03
C VAL B 59 18.13 -24.33 -13.11
N TYR B 60 19.32 -24.80 -13.46
CA TYR B 60 19.85 -26.11 -13.10
C TYR B 60 21.31 -25.99 -12.68
N GLU B 61 21.70 -26.81 -11.72
CA GLU B 61 23.13 -26.98 -11.47
C GLU B 61 23.75 -27.75 -12.64
N GLY B 62 25.01 -27.45 -12.92
CA GLY B 62 25.70 -28.09 -14.03
C GLY B 62 27.19 -28.10 -13.84
N ARG B 63 27.88 -28.65 -14.85
CA ARG B 63 29.33 -28.64 -14.94
C ARG B 63 29.71 -28.12 -16.32
N LEU B 64 30.79 -27.34 -16.39
CA LEU B 64 31.32 -26.83 -17.65
C LEU B 64 32.76 -27.35 -17.80
N ARG B 65 32.96 -28.29 -18.71
CA ARG B 65 34.28 -28.91 -18.91
C ARG B 65 35.28 -27.92 -19.49
N GLU B 92 36.94 -28.96 -14.73
CA GLU B 92 35.52 -28.66 -14.82
C GLU B 92 35.11 -27.58 -13.81
N LEU B 93 34.31 -26.63 -14.28
CA LEU B 93 33.79 -25.56 -13.45
C LEU B 93 32.39 -25.90 -12.95
N ARG B 94 32.07 -25.40 -11.76
CA ARG B 94 30.74 -25.57 -11.21
C ARG B 94 29.88 -24.41 -11.69
N VAL B 95 28.80 -24.71 -12.41
CA VAL B 95 28.03 -23.65 -13.05
C VAL B 95 26.53 -23.82 -12.77
N VAL B 96 25.79 -22.78 -13.18
CA VAL B 96 24.34 -22.82 -13.26
C VAL B 96 23.97 -22.66 -14.73
N LEU B 97 23.02 -23.47 -15.18
CA LEU B 97 22.47 -23.48 -16.53
C LEU B 97 21.08 -22.83 -16.48
N LYS B 98 20.92 -21.71 -17.15
CA LYS B 98 19.67 -20.96 -17.15
C LYS B 98 19.01 -21.16 -18.51
N VAL B 99 18.03 -22.04 -18.55
CA VAL B 99 17.37 -22.47 -19.79
C VAL B 99 16.18 -21.55 -20.03
N LEU B 100 16.24 -20.77 -21.11
CA LEU B 100 15.12 -19.94 -21.50
C LEU B 100 13.98 -20.80 -22.05
N ASP B 101 12.74 -20.50 -21.63
CA ASP B 101 11.57 -21.17 -22.21
C ASP B 101 11.52 -20.93 -23.72
N PRO B 102 10.87 -21.83 -24.48
CA PRO B 102 10.61 -21.53 -25.90
C PRO B 102 10.03 -20.14 -26.02
N SER B 103 10.65 -19.24 -26.80
CA SER B 103 10.37 -17.81 -26.65
C SER B 103 10.30 -17.08 -27.97
N HIS B 104 9.53 -15.98 -27.96
CA HIS B 104 9.50 -14.95 -28.98
C HIS B 104 10.90 -14.36 -29.19
N HIS B 105 11.13 -13.80 -30.38
CA HIS B 105 12.46 -13.29 -30.73
C HIS B 105 12.88 -12.11 -29.86
N ASP B 106 11.94 -11.26 -29.44
CA ASP B 106 12.29 -10.15 -28.55
C ASP B 106 12.77 -10.64 -27.19
N ILE B 107 12.24 -11.77 -26.72
CA ILE B 107 12.65 -12.31 -25.43
C ILE B 107 14.05 -12.91 -25.54
N ALA B 108 14.28 -13.72 -26.59
CA ALA B 108 15.59 -14.35 -26.76
C ALA B 108 16.67 -13.32 -26.95
N LEU B 109 16.36 -12.22 -27.62
CA LEU B 109 17.36 -11.18 -27.79
C LEU B 109 17.63 -10.46 -26.47
N ALA B 110 16.61 -10.14 -25.70
CA ALA B 110 16.93 -9.56 -24.40
C ALA B 110 17.81 -10.50 -23.56
N PHE B 111 17.55 -11.81 -23.63
CA PHE B 111 18.36 -12.81 -22.92
C PHE B 111 19.81 -12.75 -23.37
N TYR B 112 20.05 -12.74 -24.68
CA TYR B 112 21.42 -12.66 -25.18
C TYR B 112 22.07 -11.32 -24.86
N GLU B 113 21.29 -10.22 -24.84
CA GLU B 113 21.86 -8.93 -24.49
C GLU B 113 22.38 -8.91 -23.06
N THR B 114 21.66 -9.57 -22.14
CA THR B 114 22.14 -9.68 -20.76
C THR B 114 23.43 -10.47 -20.69
N ALA B 115 23.50 -11.61 -21.38
CA ALA B 115 24.71 -12.42 -21.37
C ALA B 115 25.90 -11.65 -21.92
N SER B 116 25.68 -10.87 -22.99
CA SER B 116 26.74 -10.04 -23.56
C SER B 116 27.19 -8.98 -22.57
N LEU B 117 26.24 -8.26 -21.97
CA LEU B 117 26.57 -7.23 -21.00
C LEU B 117 27.41 -7.81 -19.85
N MET B 118 26.94 -8.88 -19.23
CA MET B 118 27.62 -9.42 -18.05
C MET B 118 28.94 -10.09 -18.39
N SER B 119 29.13 -10.48 -19.64
CA SER B 119 30.38 -11.11 -20.07
C SER B 119 31.54 -10.14 -20.07
N GLN B 120 31.26 -8.84 -20.15
CA GLN B 120 32.28 -7.83 -20.39
C GLN B 120 32.51 -6.94 -19.18
N VAL B 121 31.89 -7.24 -18.03
CA VAL B 121 32.18 -6.51 -16.81
C VAL B 121 32.84 -7.48 -15.83
N SER B 122 33.52 -6.91 -14.84
CA SER B 122 34.20 -7.69 -13.81
C SER B 122 34.06 -6.95 -12.49
N HIS B 123 33.70 -7.66 -11.43
CA HIS B 123 33.67 -7.07 -10.11
C HIS B 123 33.68 -8.19 -9.09
N THR B 124 34.37 -7.97 -7.97
CA THR B 124 34.36 -8.93 -6.87
C THR B 124 32.96 -9.41 -6.51
N HIS B 125 31.95 -8.54 -6.62
CA HIS B 125 30.60 -8.91 -6.19
C HIS B 125 29.62 -9.05 -7.37
N LEU B 126 30.10 -9.46 -8.55
CA LEU B 126 29.26 -9.84 -9.69
C LEU B 126 29.55 -11.28 -10.11
N ALA B 127 28.52 -12.10 -10.23
CA ALA B 127 28.72 -13.50 -10.60
C ALA B 127 29.18 -13.61 -12.06
N PHE B 128 30.06 -14.58 -12.35
CA PHE B 128 30.58 -14.76 -13.72
C PHE B 128 29.47 -15.22 -14.65
N VAL B 129 29.55 -14.79 -15.91
CA VAL B 129 28.79 -15.40 -16.98
C VAL B 129 29.82 -16.01 -17.92
N HIS B 130 29.74 -17.32 -18.11
CA HIS B 130 30.69 -18.04 -18.95
C HIS B 130 30.28 -18.06 -20.42
N GLY B 131 29.02 -17.83 -20.74
CA GLY B 131 28.60 -17.81 -22.12
C GLY B 131 27.19 -18.33 -22.27
N VAL B 132 26.81 -18.55 -23.52
CA VAL B 132 25.50 -19.04 -23.89
C VAL B 132 25.68 -20.30 -24.73
N CYS B 133 24.90 -21.32 -24.41
CA CYS B 133 24.88 -22.57 -25.16
C CYS B 133 23.54 -22.71 -25.86
N VAL B 134 23.56 -23.26 -27.07
CA VAL B 134 22.35 -23.64 -27.79
C VAL B 134 22.31 -25.16 -27.80
N ARG B 135 21.28 -25.72 -27.17
CA ARG B 135 21.09 -27.17 -27.07
C ARG B 135 19.69 -27.48 -27.58
N GLY B 136 19.61 -28.20 -28.69
CA GLY B 136 18.35 -28.35 -29.39
C GLY B 136 17.75 -26.99 -29.63
N PRO B 137 16.48 -26.81 -29.28
CA PRO B 137 15.83 -25.50 -29.40
C PRO B 137 16.01 -24.55 -28.23
N GLU B 138 16.78 -24.91 -27.20
CA GLU B 138 16.88 -24.12 -25.98
C GLU B 138 18.12 -23.23 -26.00
N ASN B 139 17.96 -21.97 -25.62
CA ASN B 139 19.08 -21.07 -25.35
C ASN B 139 19.42 -21.12 -23.87
N ILE B 140 20.69 -21.39 -23.55
CA ILE B 140 21.10 -21.64 -22.16
C ILE B 140 22.25 -20.72 -21.79
N MET B 141 22.02 -19.82 -20.85
CA MET B 141 23.09 -19.00 -20.29
C MET B 141 23.83 -19.79 -19.24
N VAL B 142 25.17 -19.84 -19.34
CA VAL B 142 26.02 -20.56 -18.39
C VAL B 142 26.62 -19.53 -17.45
N THR B 143 26.40 -19.70 -16.14
CA THR B 143 26.80 -18.71 -15.15
C THR B 143 27.48 -19.39 -13.96
N GLU B 144 28.15 -18.58 -13.14
CA GLU B 144 28.85 -19.08 -11.96
C GLU B 144 27.86 -19.63 -10.93
N TYR B 145 28.17 -20.82 -10.38
CA TYR B 145 27.42 -21.37 -9.24
C TYR B 145 27.93 -20.73 -7.97
N VAL B 146 27.06 -20.07 -7.22
CA VAL B 146 27.46 -19.42 -5.97
C VAL B 146 26.97 -20.28 -4.82
N GLU B 147 27.92 -20.78 -4.01
CA GLU B 147 27.72 -21.88 -3.07
C GLU B 147 26.37 -21.92 -2.33
N HIS B 148 26.03 -20.87 -1.58
CA HIS B 148 24.88 -20.96 -0.69
C HIS B 148 23.59 -20.40 -1.29
N GLY B 149 23.60 -20.04 -2.58
CA GLY B 149 22.41 -19.61 -3.27
C GLY B 149 21.80 -18.28 -2.84
N PRO B 150 20.56 -18.05 -3.28
CA PRO B 150 19.88 -16.77 -3.09
C PRO B 150 19.77 -16.34 -1.64
N LEU B 151 20.05 -15.04 -1.41
CA LEU B 151 20.11 -14.47 -0.07
C LEU B 151 18.74 -14.45 0.62
N ASP B 152 17.65 -14.15 -0.11
CA ASP B 152 16.34 -14.05 0.51
C ASP B 152 15.86 -15.38 1.08
N VAL B 153 16.14 -16.48 0.37
CA VAL B 153 15.79 -17.82 0.85
C VAL B 153 16.56 -18.15 2.11
N TRP B 154 17.86 -17.85 2.12
CA TRP B 154 18.68 -18.10 3.28
C TRP B 154 18.26 -17.24 4.47
N LEU B 155 17.97 -15.95 4.22
CA LEU B 155 17.58 -15.05 5.30
C LEU B 155 16.27 -15.47 5.97
N ARG B 156 15.28 -15.88 5.19
CA ARG B 156 14.03 -16.34 5.79
C ARG B 156 14.26 -17.55 6.67
N ARG B 157 15.10 -18.48 6.22
CA ARG B 157 15.38 -19.67 7.01
C ARG B 157 16.18 -19.33 8.26
N GLU B 158 17.06 -18.33 8.21
CA GLU B 158 17.85 -17.97 9.38
C GLU B 158 17.26 -16.76 10.14
N ARG B 159 16.00 -16.40 9.88
CA ARG B 159 15.43 -15.20 10.47
C ARG B 159 15.52 -15.23 12.00
N GLY B 160 15.89 -14.09 12.57
CA GLY B 160 15.97 -13.94 14.00
C GLY B 160 17.36 -14.05 14.58
N HIS B 161 18.34 -14.56 13.81
CA HIS B 161 19.69 -14.59 14.36
C HIS B 161 20.73 -14.14 13.34
N VAL B 162 20.37 -13.22 12.44
CA VAL B 162 21.32 -12.56 11.56
C VAL B 162 21.51 -11.14 12.09
N PRO B 163 22.69 -10.83 12.66
CA PRO B 163 22.87 -9.51 13.27
C PRO B 163 22.97 -8.38 12.25
N MET B 164 22.79 -7.17 12.77
CA MET B 164 22.76 -5.97 11.95
C MET B 164 24.09 -5.70 11.30
N ALA B 165 25.19 -5.98 12.01
CA ALA B 165 26.52 -5.81 11.42
C ALA B 165 26.67 -6.67 10.17
N TRP B 166 26.11 -7.87 10.18
CA TRP B 166 26.12 -8.76 9.02
C TRP B 166 25.38 -8.12 7.85
N LYS B 167 24.21 -7.55 8.11
CA LYS B 167 23.42 -6.94 7.05
C LYS B 167 24.11 -5.70 6.48
N MET B 168 24.87 -4.97 7.29
CA MET B 168 25.59 -3.80 6.80
C MET B 168 26.74 -4.21 5.87
N VAL B 169 27.42 -5.31 6.17
CA VAL B 169 28.46 -5.83 5.26
C VAL B 169 27.86 -6.11 3.88
N VAL B 170 26.73 -6.81 3.85
CA VAL B 170 26.07 -7.14 2.58
C VAL B 170 25.63 -5.90 1.83
N ALA B 171 25.10 -4.90 2.55
CA ALA B 171 24.68 -3.66 1.92
C ALA B 171 25.86 -2.95 1.25
N GLN B 172 27.02 -2.92 1.93
CA GLN B 172 28.21 -2.26 1.39
C GLN B 172 28.72 -2.95 0.13
N GLN B 173 28.74 -4.30 0.15
CA GLN B 173 29.19 -5.06 -1.02
C GLN B 173 28.27 -4.84 -2.21
N LEU B 174 26.95 -4.82 -1.97
CA LEU B 174 25.99 -4.58 -3.03
C LEU B 174 26.14 -3.15 -3.58
N ALA B 175 26.26 -2.17 -2.68
CA ALA B 175 26.51 -0.79 -3.09
C ALA B 175 27.77 -0.67 -3.94
N SER B 176 28.84 -1.40 -3.59
CA SER B 176 30.07 -1.27 -4.37
C SER B 176 29.90 -1.85 -5.76
N ALA B 177 29.20 -2.98 -5.88
CA ALA B 177 28.94 -3.54 -7.21
C ALA B 177 28.10 -2.60 -8.06
N LEU B 178 27.10 -1.96 -7.45
CA LEU B 178 26.23 -1.05 -8.20
C LEU B 178 26.92 0.29 -8.49
N SER B 179 27.83 0.73 -7.63
CA SER B 179 28.61 1.91 -7.95
C SER B 179 29.52 1.67 -9.15
N TYR B 180 30.03 0.43 -9.30
CA TYR B 180 30.80 0.08 -10.49
C TYR B 180 29.92 0.12 -11.74
N LEU B 181 28.75 -0.50 -11.69
CA LEU B 181 27.88 -0.48 -12.87
C LEU B 181 27.38 0.93 -13.16
N GLU B 182 27.19 1.74 -12.12
CA GLU B 182 26.81 3.14 -12.33
C GLU B 182 27.89 3.88 -13.10
N ASN B 183 29.14 3.74 -12.66
CA ASN B 183 30.26 4.38 -13.35
C ASN B 183 30.34 3.97 -14.81
N LYS B 184 30.11 2.68 -15.10
CA LYS B 184 30.13 2.19 -16.47
C LYS B 184 28.86 2.54 -17.23
N ASN B 185 27.94 3.27 -16.59
CA ASN B 185 26.64 3.64 -17.15
C ASN B 185 25.86 2.43 -17.65
N LEU B 186 25.84 1.36 -16.87
CA LEU B 186 25.12 0.15 -17.24
C LEU B 186 24.00 -0.08 -16.24
N VAL B 187 22.88 -0.57 -16.73
CA VAL B 187 21.71 -0.82 -15.90
C VAL B 187 21.63 -2.32 -15.62
N HIS B 188 21.35 -2.66 -14.37
CA HIS B 188 21.09 -4.06 -14.01
C HIS B 188 19.63 -4.36 -14.22
N GLY B 189 18.76 -3.64 -13.51
CA GLY B 189 17.34 -3.67 -13.77
C GLY B 189 16.56 -4.67 -12.95
N ASN B 190 17.23 -5.51 -12.17
CA ASN B 190 16.53 -6.56 -11.42
C ASN B 190 17.25 -6.80 -10.10
N VAL B 191 17.60 -5.72 -9.38
CA VAL B 191 18.18 -5.84 -8.06
C VAL B 191 17.09 -6.23 -7.06
N CYS B 192 17.29 -7.35 -6.37
CA CYS B 192 16.38 -7.87 -5.36
C CYS B 192 17.12 -8.94 -4.55
N GLY B 193 16.55 -9.27 -3.39
CA GLY B 193 17.19 -10.24 -2.52
C GLY B 193 17.45 -11.58 -3.18
N ARG B 194 16.57 -11.98 -4.11
CA ARG B 194 16.69 -13.26 -4.80
C ARG B 194 17.92 -13.28 -5.69
N ASN B 195 18.25 -12.15 -6.31
CA ASN B 195 19.40 -12.08 -7.21
C ASN B 195 20.71 -11.81 -6.49
N ILE B 196 20.69 -11.73 -5.16
CA ILE B 196 21.92 -11.63 -4.38
C ILE B 196 22.27 -13.02 -3.87
N LEU B 197 23.41 -13.54 -4.32
CA LEU B 197 23.83 -14.89 -4.01
C LEU B 197 24.91 -14.84 -2.94
N LEU B 198 24.90 -15.84 -2.06
CA LEU B 198 25.83 -15.89 -0.92
C LEU B 198 26.99 -16.85 -1.23
N ALA B 199 28.20 -16.31 -1.37
CA ALA B 199 29.38 -17.15 -1.59
C ALA B 199 30.01 -17.61 -0.29
N ARG B 200 29.86 -16.81 0.77
CA ARG B 200 30.34 -17.19 2.09
C ARG B 200 29.32 -16.72 3.12
N LEU B 201 29.01 -17.59 4.09
CA LEU B 201 27.89 -17.36 5.01
C LEU B 201 28.19 -16.24 6.01
N GLY B 202 29.39 -16.25 6.59
CA GLY B 202 29.87 -15.15 7.40
C GLY B 202 29.22 -14.97 8.75
N LEU B 203 28.57 -16.00 9.30
CA LEU B 203 27.94 -15.90 10.62
C LEU B 203 28.86 -16.36 11.73
N ALA B 204 29.60 -17.44 11.50
CA ALA B 204 30.51 -17.98 12.50
C ALA B 204 31.54 -16.94 12.93
N GLU B 205 32.03 -17.11 14.16
CA GLU B 205 32.98 -16.16 14.73
C GLU B 205 34.22 -16.02 13.85
N GLY B 206 34.65 -14.77 13.64
CA GLY B 206 35.83 -14.51 12.83
C GLY B 206 35.62 -14.57 11.34
N THR B 207 34.38 -14.50 10.86
CA THR B 207 34.10 -14.55 9.43
C THR B 207 33.14 -13.42 9.07
N SER B 208 33.04 -13.14 7.78
CA SER B 208 32.18 -12.10 7.26
C SER B 208 31.51 -12.61 5.99
N PRO B 209 30.29 -12.18 5.71
CA PRO B 209 29.59 -12.65 4.51
C PRO B 209 30.26 -12.14 3.24
N PHE B 210 29.96 -12.82 2.13
CA PHE B 210 30.47 -12.43 0.81
C PHE B 210 29.37 -12.69 -0.20
N ILE B 211 28.92 -11.65 -0.91
CA ILE B 211 27.82 -11.84 -1.84
C ILE B 211 28.28 -11.63 -3.27
N LYS B 212 27.47 -12.12 -4.21
CA LYS B 212 27.68 -11.93 -5.63
C LYS B 212 26.31 -11.67 -6.25
N LEU B 213 26.22 -10.58 -6.98
CA LEU B 213 24.99 -10.22 -7.67
C LEU B 213 24.88 -11.03 -8.95
N SER B 214 23.76 -11.73 -9.09
CA SER B 214 23.47 -12.53 -10.27
C SER B 214 23.08 -11.63 -11.44
N ASP B 215 23.15 -12.19 -12.65
CA ASP B 215 22.74 -11.47 -13.84
C ASP B 215 21.23 -11.16 -13.80
N PRO B 216 20.76 -10.12 -14.48
CA PRO B 216 19.33 -9.76 -14.41
C PRO B 216 18.42 -10.65 -15.23
N GLY B 217 18.94 -11.65 -15.95
CA GLY B 217 18.07 -12.50 -16.78
C GLY B 217 17.52 -11.74 -17.97
N VAL B 218 16.26 -12.03 -18.32
CA VAL B 218 15.63 -11.38 -19.47
C VAL B 218 15.43 -9.89 -19.16
N GLY B 219 15.99 -9.04 -20.00
CA GLY B 219 15.93 -7.60 -19.81
C GLY B 219 14.55 -7.05 -19.55
N LEU B 220 14.47 -6.04 -18.68
CA LEU B 220 13.19 -5.50 -18.27
C LEU B 220 12.41 -4.95 -19.46
N GLY B 221 13.11 -4.36 -20.43
CA GLY B 221 12.43 -3.73 -21.55
C GLY B 221 11.61 -4.67 -22.41
N ALA B 222 11.71 -5.98 -22.19
CA ALA B 222 11.01 -6.96 -23.00
C ALA B 222 9.89 -7.67 -22.26
N LEU B 223 9.74 -7.45 -20.96
CA LEU B 223 8.77 -8.19 -20.18
C LEU B 223 7.39 -7.55 -20.28
N SER B 224 6.36 -8.33 -19.96
CA SER B 224 4.99 -7.85 -20.01
C SER B 224 4.65 -6.97 -18.81
N ARG B 225 3.56 -6.22 -18.92
CA ARG B 225 3.12 -5.40 -17.79
C ARG B 225 2.82 -6.25 -16.58
N GLU B 226 2.24 -7.43 -16.80
CA GLU B 226 1.95 -8.33 -15.69
C GLU B 226 3.24 -8.75 -14.97
N GLU B 227 4.30 -9.03 -15.73
CA GLU B 227 5.56 -9.41 -15.13
C GLU B 227 6.22 -8.23 -14.40
N ARG B 228 6.07 -7.01 -14.93
CA ARG B 228 6.62 -5.86 -14.24
C ARG B 228 5.90 -5.61 -12.92
N VAL B 229 4.57 -5.73 -12.92
CA VAL B 229 3.78 -5.62 -11.69
C VAL B 229 4.22 -6.66 -10.65
N GLU B 230 4.55 -7.92 -11.08
CA GLU B 230 5.11 -8.93 -10.16
C GLU B 230 6.40 -8.47 -9.48
N ARG B 231 7.14 -7.56 -10.08
CA ARG B 231 8.37 -7.11 -9.44
C ARG B 231 8.15 -5.95 -8.49
N ILE B 232 6.93 -5.41 -8.38
CA ILE B 232 6.73 -4.42 -7.31
C ILE B 232 6.95 -5.10 -5.97
N PRO B 233 7.68 -4.51 -5.01
CA PRO B 233 8.22 -3.15 -4.96
C PRO B 233 9.70 -2.99 -5.32
N TRP B 234 10.35 -4.03 -5.86
CA TRP B 234 11.72 -3.88 -6.35
C TRP B 234 11.77 -3.05 -7.63
N LEU B 235 10.71 -3.11 -8.43
CA LEU B 235 10.65 -2.39 -9.70
C LEU B 235 10.51 -0.89 -9.49
N ALA B 236 11.38 -0.11 -10.11
CA ALA B 236 11.30 1.33 -10.00
C ALA B 236 9.94 1.81 -10.55
N PRO B 237 9.27 2.74 -9.87
CA PRO B 237 7.93 3.13 -10.31
C PRO B 237 7.90 3.73 -11.71
N GLU B 238 8.99 4.32 -12.18
CA GLU B 238 8.96 4.84 -13.54
C GLU B 238 9.03 3.74 -14.60
N CYS B 239 9.29 2.50 -14.20
CA CYS B 239 9.36 1.41 -15.17
C CYS B 239 8.04 0.66 -15.33
N LEU B 240 7.04 0.95 -14.49
CA LEU B 240 5.74 0.31 -14.63
C LEU B 240 5.07 0.67 -15.95
N PRO B 241 5.01 1.94 -16.37
CA PRO B 241 4.37 2.28 -17.66
C PRO B 241 5.30 2.04 -18.85
N SER B 248 17.35 3.70 -17.44
CA SER B 248 18.28 4.60 -16.77
C SER B 248 18.88 3.94 -15.52
N THR B 249 20.09 4.33 -15.14
CA THR B 249 20.67 3.72 -13.95
C THR B 249 19.99 4.18 -12.67
N ALA B 250 19.11 5.20 -12.74
CA ALA B 250 18.39 5.62 -11.54
C ALA B 250 17.49 4.49 -11.01
N MET B 251 16.99 3.62 -11.89
CA MET B 251 16.12 2.54 -11.45
C MET B 251 16.84 1.58 -10.49
N ASP B 252 18.14 1.42 -10.62
CA ASP B 252 18.85 0.52 -9.71
C ASP B 252 19.02 1.10 -8.31
N LYS B 253 18.91 2.43 -8.16
CA LYS B 253 18.91 3.01 -6.81
C LYS B 253 17.63 2.64 -6.07
N TRP B 254 16.49 2.60 -6.77
CA TRP B 254 15.25 2.14 -6.16
C TRP B 254 15.31 0.66 -5.81
N GLY B 255 15.73 -0.19 -6.76
CA GLY B 255 15.87 -1.60 -6.47
C GLY B 255 16.78 -1.84 -5.29
N PHE B 256 17.87 -1.07 -5.21
CA PHE B 256 18.77 -1.15 -4.07
C PHE B 256 18.05 -0.80 -2.78
N GLY B 257 17.26 0.28 -2.78
CA GLY B 257 16.53 0.66 -1.59
C GLY B 257 15.53 -0.38 -1.15
N ALA B 258 14.79 -0.96 -2.09
CA ALA B 258 13.84 -2.01 -1.80
C ALA B 258 14.52 -3.27 -1.28
N THR B 259 15.73 -3.56 -1.77
CA THR B 259 16.45 -4.75 -1.33
C THR B 259 17.00 -4.57 0.08
N LEU B 260 17.42 -3.34 0.43
CA LEU B 260 17.79 -3.06 1.81
C LEU B 260 16.64 -3.33 2.76
N LEU B 261 15.43 -2.95 2.37
CA LEU B 261 14.25 -3.21 3.21
C LEU B 261 14.03 -4.70 3.36
N GLU B 262 14.07 -5.43 2.24
CA GLU B 262 14.00 -6.88 2.25
C GLU B 262 15.02 -7.49 3.21
N ILE B 263 16.28 -7.05 3.10
CA ILE B 263 17.31 -7.60 3.97
C ILE B 263 17.00 -7.28 5.43
N CYS B 264 16.63 -6.03 5.70
CA CYS B 264 16.30 -5.64 7.07
C CYS B 264 15.12 -6.46 7.63
N PHE B 265 14.13 -6.78 6.80
CA PHE B 265 12.97 -7.56 7.22
C PHE B 265 13.23 -9.08 7.15
N ASP B 266 14.49 -9.51 7.17
CA ASP B 266 14.87 -10.91 7.15
C ASP B 266 14.31 -11.65 5.93
N GLY B 267 14.35 -10.99 4.78
CA GLY B 267 13.98 -11.64 3.53
C GLY B 267 12.52 -11.63 3.18
N GLU B 268 11.69 -10.93 3.94
CA GLU B 268 10.30 -10.68 3.56
C GLU B 268 10.21 -9.25 3.03
N ALA B 269 9.83 -9.10 1.78
CA ALA B 269 9.80 -7.73 1.29
C ALA B 269 8.44 -7.11 1.49
N PRO B 270 8.35 -5.78 1.54
CA PRO B 270 7.06 -5.12 1.74
C PRO B 270 6.09 -5.44 0.61
N LEU B 271 4.81 -5.28 0.90
CA LEU B 271 3.75 -5.54 -0.08
C LEU B 271 3.71 -7.02 -0.48
N ARG B 274 0.09 -8.99 -1.42
CA ARG B 274 -1.03 -8.28 -2.01
C ARG B 274 -1.35 -8.71 -3.43
N SER B 275 -2.53 -8.41 -3.91
CA SER B 275 -2.81 -8.77 -5.27
C SER B 275 -2.08 -7.84 -6.25
N PRO B 276 -1.97 -8.25 -7.52
CA PRO B 276 -1.33 -7.35 -8.50
C PRO B 276 -2.05 -6.02 -8.62
N SER B 277 -3.38 -6.07 -8.63
CA SER B 277 -4.19 -4.86 -8.69
C SER B 277 -3.78 -3.88 -7.59
N GLU B 278 -3.66 -4.38 -6.36
CA GLU B 278 -3.34 -3.50 -5.23
C GLU B 278 -1.88 -3.05 -5.22
N LYS B 279 -0.95 -3.85 -5.78
CA LYS B 279 0.43 -3.38 -5.94
C LYS B 279 0.50 -2.22 -6.93
N GLU B 280 -0.26 -2.31 -8.03
CA GLU B 280 -0.25 -1.21 -8.99
C GLU B 280 -0.89 0.04 -8.38
N HIS B 281 -1.95 -0.12 -7.59
CA HIS B 281 -2.58 1.01 -6.90
C HIS B 281 -1.59 1.71 -5.98
N PHE B 282 -0.81 0.94 -5.22
CA PHE B 282 0.19 1.51 -4.34
C PHE B 282 1.11 2.49 -5.07
N TYR B 283 1.56 2.12 -6.28
CA TYR B 283 2.44 3.01 -7.04
C TYR B 283 1.68 4.20 -7.60
N GLN B 284 0.46 3.97 -8.10
CA GLN B 284 -0.31 5.05 -8.70
C GLN B 284 -0.56 6.16 -7.69
N ARG B 285 -0.87 5.78 -6.46
CA ARG B 285 -1.05 6.72 -5.36
C ARG B 285 0.27 7.21 -4.78
N GLN B 286 1.39 6.65 -5.23
CA GLN B 286 2.74 7.00 -4.76
C GLN B 286 2.85 6.97 -3.23
N HIS B 287 2.29 5.94 -2.62
CA HIS B 287 2.49 5.71 -1.19
C HIS B 287 3.96 5.42 -0.90
N ARG B 288 4.39 5.80 0.31
CA ARG B 288 5.76 5.56 0.75
C ARG B 288 5.90 4.17 1.35
N LEU B 289 6.99 3.49 0.99
CA LEU B 289 7.26 2.17 1.54
C LEU B 289 7.67 2.27 3.01
N PRO B 290 7.55 1.18 3.77
CA PRO B 290 7.89 1.22 5.20
C PRO B 290 9.30 1.71 5.47
N GLU B 291 9.48 2.30 6.65
CA GLU B 291 10.82 2.53 7.17
C GLU B 291 11.40 1.20 7.65
N PRO B 292 12.73 0.99 7.54
CA PRO B 292 13.29 -0.29 7.95
C PRO B 292 13.35 -0.42 9.46
N SER B 293 13.49 -1.66 9.89
CA SER B 293 13.70 -1.93 11.30
C SER B 293 15.07 -1.42 11.71
N CYS B 294 16.00 -1.43 10.74
CA CYS B 294 17.35 -0.92 10.88
C CYS B 294 17.28 0.59 10.98
N PRO B 295 17.65 1.21 12.09
CA PRO B 295 17.62 2.67 12.17
C PRO B 295 18.71 3.32 11.36
N GLN B 296 19.89 2.68 11.29
CA GLN B 296 21.02 3.24 10.55
C GLN B 296 20.74 3.33 9.05
N LEU B 297 19.75 2.61 8.54
CA LEU B 297 19.45 2.59 7.12
C LEU B 297 18.20 3.41 6.77
N ALA B 298 17.52 3.98 7.76
CA ALA B 298 16.23 4.63 7.50
C ALA B 298 16.37 5.80 6.54
N THR B 299 17.39 6.65 6.74
CA THR B 299 17.54 7.80 5.84
C THR B 299 17.94 7.36 4.45
N LEU B 300 18.79 6.34 4.35
CA LEU B 300 19.24 5.84 3.06
C LEU B 300 18.07 5.28 2.25
N THR B 301 17.29 4.35 2.83
CA THR B 301 16.21 3.74 2.06
C THR B 301 15.18 4.77 1.65
N SER B 302 14.92 5.76 2.51
CA SER B 302 13.98 6.81 2.16
C SER B 302 14.46 7.60 0.96
N GLN B 303 15.75 7.96 0.94
CA GLN B 303 16.29 8.71 -0.19
C GLN B 303 16.31 7.88 -1.47
N CYS B 304 16.65 6.59 -1.37
CA CYS B 304 16.61 5.74 -2.55
C CYS B 304 15.18 5.50 -3.04
N LEU B 305 14.23 5.39 -2.11
CA LEU B 305 12.84 5.07 -2.44
C LEU B 305 12.01 6.33 -2.60
N THR B 306 12.52 7.25 -3.42
CA THR B 306 11.81 8.46 -3.80
C THR B 306 11.30 8.29 -5.22
N TYR B 307 10.06 8.69 -5.46
CA TYR B 307 9.46 8.40 -6.76
C TYR B 307 10.11 9.19 -7.90
N GLU B 308 10.62 10.40 -7.61
CA GLU B 308 11.29 11.19 -8.64
C GLU B 308 12.72 10.67 -8.82
N PRO B 309 13.03 10.06 -9.99
CA PRO B 309 14.32 9.39 -10.14
C PRO B 309 15.54 10.29 -9.89
N THR B 310 15.50 11.54 -10.37
CA THR B 310 16.65 12.43 -10.22
C THR B 310 16.88 12.88 -8.79
N GLN B 311 15.97 12.55 -7.87
CA GLN B 311 16.18 12.90 -6.47
C GLN B 311 16.91 11.81 -5.70
N ARG B 312 17.14 10.64 -6.31
CA ARG B 312 17.84 9.53 -5.68
C ARG B 312 19.33 9.79 -5.65
N PRO B 313 20.01 9.50 -4.55
CA PRO B 313 21.44 9.80 -4.47
C PRO B 313 22.26 8.82 -5.31
N SER B 314 23.47 9.26 -5.68
CA SER B 314 24.37 8.42 -6.45
C SER B 314 24.95 7.32 -5.57
N PHE B 315 25.36 6.21 -6.21
CA PHE B 315 25.97 5.16 -5.43
C PHE B 315 27.28 5.61 -4.82
N ARG B 316 27.94 6.60 -5.41
CA ARG B 316 29.08 7.22 -4.74
C ARG B 316 28.68 7.76 -3.37
N THR B 317 27.55 8.47 -3.31
CA THR B 317 27.06 9.00 -2.03
C THR B 317 26.60 7.87 -1.12
N ILE B 318 25.84 6.93 -1.67
CA ILE B 318 25.35 5.80 -0.89
C ILE B 318 26.50 5.05 -0.22
N LEU B 319 27.54 4.71 -1.00
CA LEU B 319 28.70 4.00 -0.47
C LEU B 319 29.37 4.78 0.65
N ARG B 320 29.60 6.08 0.43
CA ARG B 320 30.22 6.90 1.48
C ARG B 320 29.39 6.87 2.75
N ASP B 321 28.06 6.95 2.62
CA ASP B 321 27.20 6.90 3.80
C ASP B 321 27.27 5.54 4.49
N LEU B 322 27.36 4.45 3.73
CA LEU B 322 27.40 3.13 4.34
C LEU B 322 28.71 2.87 5.06
N THR B 323 29.81 3.42 4.57
CA THR B 323 31.11 3.21 5.19
C THR B 323 31.42 4.29 6.23
#